data_6PNL
#
_entry.id   6PNL
#
_cell.length_a   89.311
_cell.length_b   89.311
_cell.length_c   174.695
_cell.angle_alpha   90.000
_cell.angle_beta   90.000
_cell.angle_gamma   120.000
#
_symmetry.space_group_name_H-M   'P 63 2 2'
#
loop_
_entity.id
_entity.type
_entity.pdbx_description
1 polymer 'UDP-glucose 4-epimerase related protein'
2 non-polymer NICOTINAMIDE-ADENINE-DINUCLEOTIDE
3 non-polymer "URIDINE-5'-DIPHOSPHATE"
4 non-polymer 1,2-ETHANEDIOL
5 non-polymer 'SULFATE ION'
6 water water
#
_entity_poly.entity_id   1
_entity_poly.type   'polypeptide(L)'
_entity_poly.pdbx_seq_one_letter_code
;MRGSHHHHHHGMASMTGGQQMGRDLYDDDDKDHPFTMIMDEFRAYDGK(CME)VLVTGGAGCVGSNLTGNLAKAGANVII
LDNLSSSYEWNIPEYENIEFVKGDILDDEVLKRVFKERPDYVFHLAAHFANQNSVDNPEKDLLVNGLGILKVLEYAQLVG
VERFVYSSSG(CME)GVYGLDSKIPFEEHDISISLHTPYQVTKLLGELYTNYFHNLYEMPIVNARFFNVFGPGEVPGKYR
NVIPNFFYWAMNQQPLPITGDGSETRDWTFVEDIVRGLMAMGVRREAIGEAINLGSGTEHQVIEMAGIINELTENPAGVV
YRPRRDWDAKTRLLSSIDKARRLLDYEPQVSFREGLERTHRWFTENWELIRKSAEF
;
_entity_poly.pdbx_strand_id   A
#
loop_
_chem_comp.id
_chem_comp.type
_chem_comp.name
_chem_comp.formula
EDO non-polymer 1,2-ETHANEDIOL 'C2 H6 O2'
NAD non-polymer NICOTINAMIDE-ADENINE-DINUCLEOTIDE 'C21 H27 N7 O14 P2'
SO4 non-polymer 'SULFATE ION' 'O4 S -2'
UDP RNA linking URIDINE-5'-DIPHOSPHATE 'C9 H14 N2 O12 P2'
#
# COMPACT_ATOMS: atom_id res chain seq x y z
N HIS A 33 -14.32 -8.56 -24.65
CA HIS A 33 -13.60 -8.46 -23.34
C HIS A 33 -14.58 -8.16 -22.19
N PRO A 34 -14.34 -8.75 -21.01
CA PRO A 34 -15.19 -8.50 -19.84
C PRO A 34 -14.89 -7.18 -19.10
N PHE A 35 -13.79 -6.51 -19.44
CA PHE A 35 -13.26 -5.37 -18.66
C PHE A 35 -13.91 -4.01 -19.01
N THR A 36 -15.24 -3.94 -19.05
CA THR A 36 -15.94 -2.67 -19.30
C THR A 36 -15.87 -1.68 -18.12
N MET A 37 -16.11 -2.15 -16.90
CA MET A 37 -16.06 -1.19 -15.77
C MET A 37 -14.61 -0.83 -15.39
N ILE A 38 -13.68 -1.78 -15.54
CA ILE A 38 -12.27 -1.42 -15.32
C ILE A 38 -11.86 -0.36 -16.34
N MET A 39 -12.24 -0.50 -17.60
CA MET A 39 -11.75 0.47 -18.62
C MET A 39 -12.47 1.82 -18.64
N ASP A 40 -13.80 1.80 -18.73
CA ASP A 40 -14.52 3.08 -18.97
C ASP A 40 -14.91 3.77 -17.67
N GLU A 41 -14.92 3.05 -16.57
CA GLU A 41 -15.14 3.75 -15.28
C GLU A 41 -13.93 4.67 -15.06
N PHE A 42 -12.74 4.18 -15.39
CA PHE A 42 -11.47 4.88 -15.08
C PHE A 42 -11.15 6.03 -16.03
N ARG A 43 -11.83 6.08 -17.17
CA ARG A 43 -11.53 7.16 -18.14
C ARG A 43 -11.93 8.47 -17.48
N ALA A 44 -12.54 8.37 -16.30
CA ALA A 44 -12.99 9.52 -15.54
C ALA A 44 -11.80 10.35 -15.00
N TYR A 45 -10.68 9.74 -14.93
CA TYR A 45 -9.41 10.40 -14.54
C TYR A 45 -8.78 11.25 -15.66
N ASP A 46 -9.21 11.05 -16.91
CA ASP A 46 -8.60 11.71 -18.06
C ASP A 46 -8.70 13.22 -17.91
N GLY A 47 -7.56 13.90 -17.96
CA GLY A 47 -7.50 15.35 -17.78
C GLY A 47 -7.64 15.87 -16.34
N LYS A 48 -7.80 14.98 -15.36
CA LYS A 48 -7.93 15.39 -13.96
C LYS A 48 -6.55 15.58 -13.32
N CME A 49 -6.51 16.33 -12.23
CA CME A 49 -5.28 16.56 -11.45
CB CME A 49 -5.21 18.03 -11.07
SG CME A 49 -3.72 18.47 -10.19
SD CME A 49 -2.19 18.11 -11.44
CE CME A 49 -2.48 19.27 -12.76
CZ CME A 49 -2.26 20.73 -12.37
OH CME A 49 -0.88 20.94 -12.04
C CME A 49 -5.34 15.66 -10.24
O CME A 49 -6.29 15.72 -9.46
N VAL A 50 -4.34 14.81 -10.08
CA VAL A 50 -4.29 13.83 -9.01
C VAL A 50 -2.99 13.99 -8.22
N LEU A 51 -3.12 14.25 -6.92
CA LEU A 51 -1.99 14.25 -6.01
C LEU A 51 -1.87 12.86 -5.40
N VAL A 52 -0.68 12.26 -5.53
CA VAL A 52 -0.38 11.01 -4.86
C VAL A 52 0.79 11.23 -3.89
N THR A 53 0.48 11.32 -2.60
CA THR A 53 1.53 11.37 -1.58
C THR A 53 2.10 9.95 -1.45
N GLY A 54 3.41 9.85 -1.23
CA GLY A 54 4.07 8.54 -1.22
C GLY A 54 4.16 7.88 -2.57
N GLY A 55 4.05 8.69 -3.63
CA GLY A 55 3.99 8.20 -4.98
C GLY A 55 5.20 7.50 -5.58
N ALA A 56 6.37 7.60 -4.96
CA ALA A 56 7.58 6.93 -5.45
C ALA A 56 7.75 5.52 -4.88
N GLY A 57 6.90 5.13 -3.94
CA GLY A 57 6.97 3.81 -3.31
C GLY A 57 6.32 2.72 -4.14
N CYS A 58 6.09 1.56 -3.51
CA CYS A 58 5.57 0.39 -4.21
C CYS A 58 4.19 0.62 -4.81
N VAL A 59 3.19 0.85 -3.95
CA VAL A 59 1.83 1.08 -4.43
C VAL A 59 1.76 2.36 -5.28
N GLY A 60 2.42 3.42 -4.81
CA GLY A 60 2.43 4.69 -5.49
C GLY A 60 2.96 4.67 -6.92
N SER A 61 4.09 4.00 -7.13
CA SER A 61 4.68 3.96 -8.47
C SER A 61 3.72 3.28 -9.45
N ASN A 62 3.11 2.18 -9.01
CA ASN A 62 2.13 1.41 -9.81
C ASN A 62 0.88 2.25 -10.08
N LEU A 63 0.36 2.90 -9.05
CA LEU A 63 -0.84 3.73 -9.17
C LEU A 63 -0.62 4.90 -10.11
N THR A 64 0.49 5.61 -9.91
CA THR A 64 0.76 6.81 -10.71
C THR A 64 0.92 6.46 -12.20
N GLY A 65 1.58 5.34 -12.50
CA GLY A 65 1.68 4.84 -13.88
C GLY A 65 0.34 4.59 -14.54
N ASN A 66 -0.55 3.92 -13.82
N ASN A 66 -0.57 3.93 -13.82
CA ASN A 66 -1.91 3.66 -14.31
CA ASN A 66 -1.92 3.65 -14.31
C ASN A 66 -2.76 4.92 -14.46
C ASN A 66 -2.78 4.91 -14.45
N LEU A 67 -2.62 5.87 -13.52
CA LEU A 67 -3.30 7.17 -13.63
C LEU A 67 -2.81 7.96 -14.87
N ALA A 68 -1.50 7.95 -15.09
CA ALA A 68 -0.92 8.64 -16.24
C ALA A 68 -1.39 7.99 -17.56
N LYS A 69 -1.39 6.66 -17.63
CA LYS A 69 -1.99 5.94 -18.77
C LYS A 69 -3.44 6.31 -19.02
N ALA A 70 -4.22 6.50 -17.95
CA ALA A 70 -5.62 6.93 -18.08
C ALA A 70 -5.81 8.42 -18.44
N GLY A 71 -4.70 9.14 -18.64
CA GLY A 71 -4.72 10.55 -19.03
C GLY A 71 -4.74 11.57 -17.90
N ALA A 72 -4.52 11.14 -16.65
CA ALA A 72 -4.49 12.08 -15.53
C ALA A 72 -3.20 12.88 -15.55
N ASN A 73 -3.25 14.09 -15.02
CA ASN A 73 -2.05 14.83 -14.67
C ASN A 73 -1.76 14.45 -13.23
N VAL A 74 -0.56 13.94 -12.96
CA VAL A 74 -0.23 13.40 -11.64
C VAL A 74 0.86 14.24 -10.98
N ILE A 75 0.64 14.60 -9.72
CA ILE A 75 1.68 15.19 -8.87
C ILE A 75 2.04 14.18 -7.78
N ILE A 76 3.30 13.77 -7.74
CA ILE A 76 3.84 12.95 -6.66
C ILE A 76 4.51 13.86 -5.62
N LEU A 77 4.12 13.69 -4.35
CA LEU A 77 4.85 14.25 -3.22
C LEU A 77 5.44 13.10 -2.43
N ASP A 78 6.77 13.05 -2.36
CA ASP A 78 7.48 11.95 -1.68
C ASP A 78 8.84 12.47 -1.22
N ASN A 79 9.23 12.15 0.01
CA ASN A 79 10.54 12.58 0.54
C ASN A 79 11.65 11.56 0.27
N LEU A 80 11.33 10.46 -0.43
CA LEU A 80 12.27 9.38 -0.71
C LEU A 80 12.93 8.81 0.55
N SER A 81 12.24 8.83 1.68
CA SER A 81 12.77 8.22 2.91
C SER A 81 12.77 6.69 2.84
N SER A 82 11.90 6.07 2.04
CA SER A 82 11.95 4.62 1.83
C SER A 82 11.59 4.27 0.41
N SER A 83 12.18 5.00 -0.53
CA SER A 83 11.92 4.81 -1.94
C SER A 83 13.02 5.51 -2.74
N TYR A 84 13.04 5.24 -4.04
CA TYR A 84 14.13 5.67 -4.92
C TYR A 84 13.52 6.29 -6.17
N GLU A 85 14.11 7.40 -6.62
CA GLU A 85 13.54 8.17 -7.73
C GLU A 85 13.43 7.35 -9.02
N TRP A 86 14.36 6.42 -9.24
CA TRP A 86 14.31 5.51 -10.41
C TRP A 86 13.06 4.65 -10.52
N ASN A 87 12.38 4.44 -9.39
CA ASN A 87 11.14 3.66 -9.34
C ASN A 87 9.92 4.37 -9.96
N ILE A 88 9.99 5.69 -10.08
CA ILE A 88 8.85 6.48 -10.62
C ILE A 88 8.74 6.24 -12.12
N PRO A 89 7.55 5.89 -12.62
CA PRO A 89 7.45 5.66 -14.06
C PRO A 89 7.64 6.92 -14.90
N GLU A 90 8.21 6.76 -16.08
CA GLU A 90 8.52 7.88 -16.97
C GLU A 90 7.36 8.20 -17.90
N TYR A 91 6.54 9.15 -17.46
CA TYR A 91 5.44 9.70 -18.24
C TYR A 91 5.55 11.19 -18.18
N GLU A 92 5.27 11.85 -19.31
CA GLU A 92 5.29 13.30 -19.41
C GLU A 92 4.36 13.99 -18.40
N ASN A 93 3.22 13.36 -18.10
CA ASN A 93 2.18 13.92 -17.24
C ASN A 93 2.30 13.53 -15.74
N ILE A 94 3.47 13.06 -15.32
CA ILE A 94 3.83 12.89 -13.90
C ILE A 94 4.86 13.96 -13.51
N GLU A 95 4.55 14.76 -12.50
CA GLU A 95 5.45 15.75 -11.95
C GLU A 95 5.89 15.25 -10.57
N PHE A 96 7.20 15.08 -10.36
CA PHE A 96 7.74 14.60 -9.08
C PHE A 96 8.17 15.77 -8.20
N VAL A 97 7.59 15.88 -7.02
CA VAL A 97 7.97 16.90 -6.04
C VAL A 97 8.59 16.20 -4.85
N LYS A 98 9.89 16.38 -4.69
CA LYS A 98 10.60 15.83 -3.54
C LYS A 98 10.27 16.71 -2.34
N GLY A 99 9.58 16.15 -1.36
CA GLY A 99 9.27 16.93 -0.18
C GLY A 99 8.54 16.10 0.85
N ASP A 100 8.30 16.71 2.00
CA ASP A 100 7.76 16.03 3.17
C ASP A 100 6.31 16.44 3.42
N ILE A 101 5.42 15.47 3.70
CA ILE A 101 4.03 15.79 4.08
C ILE A 101 3.90 16.59 5.39
N LEU A 102 4.96 16.66 6.20
CA LEU A 102 4.97 17.52 7.39
C LEU A 102 5.39 18.97 7.11
N ASP A 103 5.79 19.27 5.89
CA ASP A 103 6.29 20.61 5.54
C ASP A 103 5.18 21.43 4.91
N ASP A 104 4.66 22.40 5.63
CA ASP A 104 3.59 23.25 5.11
C ASP A 104 3.95 24.04 3.85
N GLU A 105 5.23 24.33 3.61
CA GLU A 105 5.62 25.05 2.38
C GLU A 105 5.35 24.19 1.14
N VAL A 106 5.82 22.95 1.14
CA VAL A 106 5.61 22.03 0.01
C VAL A 106 4.15 21.62 -0.17
N LEU A 107 3.43 21.50 0.94
CA LEU A 107 2.00 21.23 0.88
C LEU A 107 1.24 22.33 0.12
N LYS A 108 1.57 23.60 0.39
CA LYS A 108 0.98 24.70 -0.38
C LYS A 108 1.33 24.64 -1.86
N ARG A 109 2.59 24.28 -2.15
CA ARG A 109 3.08 24.12 -3.51
C ARG A 109 2.27 23.12 -4.33
N VAL A 110 1.94 21.97 -3.73
CA VAL A 110 1.15 20.96 -4.45
C VAL A 110 -0.36 21.26 -4.41
N PHE A 111 -0.88 21.75 -3.28
CA PHE A 111 -2.32 21.99 -3.17
C PHE A 111 -2.80 23.24 -3.93
N LYS A 112 -1.91 24.19 -4.21
CA LYS A 112 -2.28 25.35 -5.05
C LYS A 112 -2.53 24.94 -6.51
N GLU A 113 -2.08 23.75 -6.90
CA GLU A 113 -2.46 23.15 -8.20
C GLU A 113 -3.93 22.66 -8.25
N ARG A 114 -4.62 22.61 -7.11
CA ARG A 114 -5.99 22.21 -6.96
C ARG A 114 -6.31 20.81 -7.46
N PRO A 115 -5.71 19.82 -6.83
CA PRO A 115 -5.97 18.45 -7.25
C PRO A 115 -7.45 18.10 -7.09
N ASP A 116 -7.97 17.35 -8.07
CA ASP A 116 -9.32 16.80 -8.02
C ASP A 116 -9.37 15.55 -7.13
N TYR A 117 -8.27 14.79 -7.11
CA TYR A 117 -8.19 13.56 -6.32
C TYR A 117 -6.91 13.57 -5.48
N VAL A 118 -7.02 13.09 -4.23
CA VAL A 118 -5.86 12.80 -3.40
C VAL A 118 -5.86 11.33 -3.02
N PHE A 119 -4.75 10.66 -3.34
CA PHE A 119 -4.46 9.34 -2.83
C PHE A 119 -3.32 9.50 -1.85
N HIS A 120 -3.62 9.26 -0.58
CA HIS A 120 -2.64 9.48 0.47
C HIS A 120 -2.00 8.16 0.87
N LEU A 121 -0.85 7.89 0.23
CA LEU A 121 -0.07 6.66 0.44
C LEU A 121 1.20 6.85 1.28
N ALA A 122 1.59 8.10 1.55
CA ALA A 122 2.78 8.39 2.34
C ALA A 122 2.61 7.91 3.78
N ALA A 123 3.58 7.13 4.21
CA ALA A 123 3.59 6.57 5.55
C ALA A 123 4.96 6.12 6.02
N HIS A 124 5.19 6.25 7.32
CA HIS A 124 6.39 5.79 7.97
C HIS A 124 6.14 4.25 8.08
N PHE A 125 6.89 3.44 7.37
CA PHE A 125 6.68 1.98 7.24
C PHE A 125 7.75 1.03 7.83
N ALA A 126 7.41 -0.03 8.55
CA ALA A 126 6.08 -0.35 9.08
C ALA A 126 6.25 -0.91 10.49
N ASN A 127 5.97 -2.20 10.74
CA ASN A 127 5.82 -2.68 12.11
C ASN A 127 7.11 -2.48 12.94
N GLN A 128 8.21 -3.10 12.55
CA GLN A 128 9.45 -2.94 13.32
C GLN A 128 9.92 -1.48 13.36
N ASN A 129 9.86 -0.80 12.22
CA ASN A 129 10.32 0.58 12.11
C ASN A 129 9.60 1.42 13.15
N SER A 130 8.30 1.17 13.29
CA SER A 130 7.46 1.92 14.22
C SER A 130 7.74 1.61 15.68
N VAL A 131 8.03 0.34 16.00
CA VAL A 131 8.39 -0.04 17.38
C VAL A 131 9.68 0.66 17.79
N ASP A 132 10.64 0.74 16.85
CA ASP A 132 11.93 1.38 17.10
C ASP A 132 11.79 2.89 17.25
N ASN A 133 10.94 3.48 16.40
CA ASN A 133 10.81 4.93 16.23
C ASN A 133 9.35 5.36 16.34
N PRO A 134 8.74 5.23 17.55
CA PRO A 134 7.31 5.48 17.68
C PRO A 134 6.89 6.95 17.53
N GLU A 135 7.75 7.88 17.93
CA GLU A 135 7.41 9.30 17.84
C GLU A 135 7.42 9.81 16.39
N LYS A 136 8.44 9.42 15.63
N LYS A 136 8.45 9.42 15.63
CA LYS A 136 8.49 9.76 14.21
CA LYS A 136 8.51 9.73 14.20
C LYS A 136 7.33 9.12 13.44
C LYS A 136 7.34 9.11 13.44
N ASP A 137 7.00 7.89 13.82
CA ASP A 137 5.86 7.17 13.24
C ASP A 137 4.55 7.96 13.44
N LEU A 138 4.34 8.48 14.64
CA LEU A 138 3.15 9.29 14.94
C LEU A 138 3.18 10.61 14.17
N LEU A 139 4.34 11.27 14.12
CA LEU A 139 4.43 12.54 13.41
C LEU A 139 4.09 12.35 11.91
N VAL A 140 4.70 11.37 11.27
CA VAL A 140 4.47 11.10 9.85
C VAL A 140 3.04 10.58 9.58
N ASN A 141 2.63 9.55 10.33
CA ASN A 141 1.35 8.90 10.05
C ASN A 141 0.15 9.64 10.61
N GLY A 142 0.33 10.34 11.73
CA GLY A 142 -0.73 11.09 12.37
C GLY A 142 -0.78 12.54 11.94
N LEU A 143 0.26 13.30 12.28
CA LEU A 143 0.29 14.72 11.96
C LEU A 143 0.38 14.91 10.44
N GLY A 144 1.03 14.00 9.75
CA GLY A 144 1.13 14.06 8.29
C GLY A 144 -0.20 13.94 7.57
N ILE A 145 -1.00 12.93 7.93
CA ILE A 145 -2.32 12.80 7.30
C ILE A 145 -3.24 13.95 7.71
N LEU A 146 -3.11 14.42 8.94
CA LEU A 146 -3.91 15.54 9.39
C LEU A 146 -3.65 16.78 8.54
N LYS A 147 -2.37 17.09 8.30
CA LYS A 147 -2.03 18.26 7.48
C LYS A 147 -2.56 18.11 6.04
N VAL A 148 -2.40 16.94 5.46
CA VAL A 148 -2.82 16.69 4.08
C VAL A 148 -4.35 16.83 3.99
N LEU A 149 -5.05 16.27 4.95
CA LEU A 149 -6.50 16.46 5.08
C LEU A 149 -6.90 17.92 5.24
N GLU A 150 -6.15 18.69 6.04
CA GLU A 150 -6.47 20.11 6.22
C GLU A 150 -6.39 20.93 4.91
N TYR A 151 -5.36 20.66 4.10
CA TYR A 151 -5.22 21.30 2.80
C TYR A 151 -6.25 20.84 1.77
N ALA A 152 -6.58 19.55 1.80
CA ALA A 152 -7.65 19.02 0.98
C ALA A 152 -8.97 19.71 1.30
N GLN A 153 -9.22 20.00 2.58
CA GLN A 153 -10.43 20.74 2.98
C GLN A 153 -10.44 22.14 2.38
N LEU A 154 -9.30 22.83 2.41
CA LEU A 154 -9.20 24.19 1.89
C LEU A 154 -9.51 24.29 0.39
N VAL A 155 -9.00 23.36 -0.40
CA VAL A 155 -9.19 23.42 -1.86
C VAL A 155 -10.45 22.70 -2.35
N GLY A 156 -10.91 21.69 -1.61
CA GLY A 156 -12.03 20.84 -2.02
C GLY A 156 -11.54 19.75 -2.97
N VAL A 157 -11.94 18.51 -2.74
CA VAL A 157 -11.57 17.39 -3.61
C VAL A 157 -12.79 16.53 -3.97
N GLU A 158 -12.76 15.88 -5.13
N GLU A 158 -12.63 15.75 -5.05
CA GLU A 158 -13.85 14.97 -5.51
CA GLU A 158 -13.59 14.72 -5.46
C GLU A 158 -13.79 13.69 -4.66
C GLU A 158 -13.41 13.39 -4.70
N ARG A 159 -12.56 13.30 -4.28
N ARG A 159 -12.18 12.99 -4.38
CA ARG A 159 -12.28 12.14 -3.41
CA ARG A 159 -12.05 11.87 -3.49
C ARG A 159 -10.88 12.20 -2.71
C ARG A 159 -10.77 12.05 -2.73
N PHE A 160 -10.83 11.68 -1.46
CA PHE A 160 -9.60 11.53 -0.64
C PHE A 160 -9.52 10.05 -0.26
N VAL A 161 -8.60 9.32 -0.88
CA VAL A 161 -8.48 7.90 -0.67
C VAL A 161 -7.22 7.60 0.13
N TYR A 162 -7.40 6.94 1.28
CA TYR A 162 -6.35 6.69 2.24
C TYR A 162 -6.01 5.20 2.30
N SER A 163 -4.71 4.88 2.24
CA SER A 163 -4.23 3.51 2.36
C SER A 163 -4.04 3.14 3.83
N SER A 164 -5.12 2.65 4.43
CA SER A 164 -5.09 2.02 5.74
C SER A 164 -4.54 0.58 5.60
N SER A 165 -4.60 -0.19 6.69
CA SER A 165 -4.01 -1.51 6.77
C SER A 165 -4.88 -2.53 7.50
N GLY A 166 -5.02 -3.72 6.92
CA GLY A 166 -5.68 -4.86 7.59
C GLY A 166 -5.06 -5.17 8.94
N CME A 167 -3.75 -5.31 8.94
CA CME A 167 -2.97 -5.50 10.18
CB CME A 167 -1.50 -5.62 9.76
SG CME A 167 -0.41 -5.69 11.15
SD CME A 167 -0.62 -7.61 11.63
CE CME A 167 0.85 -8.36 10.99
CZ CME A 167 1.92 -8.50 12.09
OH CME A 167 1.56 -9.38 13.18
C CME A 167 -3.20 -4.42 11.21
O CME A 167 -3.25 -4.69 12.42
N GLY A 168 -3.39 -3.19 10.74
CA GLY A 168 -3.60 -2.05 11.61
C GLY A 168 -4.92 -1.96 12.35
N VAL A 169 -5.99 -2.53 11.78
CA VAL A 169 -7.35 -2.38 12.35
C VAL A 169 -7.99 -3.68 12.88
N TYR A 170 -7.42 -4.84 12.55
CA TYR A 170 -7.96 -6.12 13.00
C TYR A 170 -7.01 -6.68 14.06
N GLY A 171 -7.58 -7.10 15.20
CA GLY A 171 -6.82 -7.59 16.33
C GLY A 171 -6.98 -9.07 16.57
N LEU A 172 -6.39 -9.54 17.67
CA LEU A 172 -6.57 -10.94 18.13
C LEU A 172 -8.03 -11.24 18.48
N ASP A 173 -8.77 -10.19 18.86
CA ASP A 173 -10.22 -10.25 19.12
C ASP A 173 -11.09 -10.12 17.86
N SER A 174 -10.50 -9.95 16.68
CA SER A 174 -11.23 -9.91 15.41
C SER A 174 -11.31 -11.33 14.83
N LYS A 175 -12.46 -11.69 14.31
CA LYS A 175 -12.66 -13.00 13.71
C LYS A 175 -12.15 -13.15 12.27
N ILE A 176 -11.44 -14.20 11.98
CA ILE A 176 -10.95 -14.48 10.64
C ILE A 176 -12.03 -15.31 9.94
N PRO A 177 -12.42 -15.03 8.64
CA PRO A 177 -11.78 -13.91 7.96
C PRO A 177 -12.30 -12.49 8.32
N PHE A 178 -11.40 -11.54 8.37
CA PHE A 178 -11.74 -10.19 8.72
C PHE A 178 -12.76 -9.43 7.89
N GLU A 179 -13.87 -9.09 8.52
CA GLU A 179 -14.90 -8.23 7.95
C GLU A 179 -14.78 -6.82 8.52
N GLU A 180 -15.18 -5.84 7.72
CA GLU A 180 -14.85 -4.42 8.00
C GLU A 180 -15.44 -3.80 9.27
N HIS A 181 -16.55 -4.35 9.76
CA HIS A 181 -17.18 -3.87 10.97
C HIS A 181 -16.42 -4.33 12.22
N ASP A 182 -15.60 -5.38 12.08
CA ASP A 182 -15.06 -6.12 13.22
C ASP A 182 -13.63 -5.68 13.56
N ILE A 183 -13.46 -4.38 13.75
CA ILE A 183 -12.15 -3.79 14.08
C ILE A 183 -11.80 -3.96 15.56
N SER A 184 -10.52 -3.73 15.86
CA SER A 184 -9.99 -3.84 17.21
C SER A 184 -9.27 -2.54 17.57
N ILE A 185 -9.19 -2.25 18.87
CA ILE A 185 -8.46 -1.13 19.40
C ILE A 185 -7.27 -1.67 20.27
N SER A 186 -7.00 -2.97 20.17
CA SER A 186 -5.95 -3.57 20.92
C SER A 186 -4.90 -4.06 19.93
N LEU A 187 -3.94 -3.19 19.67
CA LEU A 187 -2.88 -3.39 18.71
C LEU A 187 -1.49 -3.66 19.21
N HIS A 188 -0.64 -4.13 18.34
CA HIS A 188 0.67 -4.61 18.66
C HIS A 188 1.93 -3.83 18.24
N THR A 189 1.76 -2.82 17.38
CA THR A 189 2.85 -1.91 17.05
C THR A 189 2.32 -0.48 16.91
N PRO A 190 3.20 0.51 17.03
CA PRO A 190 2.77 1.89 16.77
C PRO A 190 2.30 2.13 15.31
N TYR A 191 2.84 1.37 14.37
CA TYR A 191 2.38 1.42 12.97
C TYR A 191 0.89 1.04 12.86
N GLN A 192 0.50 -0.02 13.55
CA GLN A 192 -0.90 -0.45 13.56
C GLN A 192 -1.76 0.65 14.16
N VAL A 193 -1.30 1.22 15.27
CA VAL A 193 -2.00 2.30 15.94
C VAL A 193 -2.22 3.47 14.97
N THR A 194 -1.16 3.88 14.28
CA THR A 194 -1.25 5.07 13.46
C THR A 194 -1.91 4.82 12.11
N LYS A 195 -1.95 3.58 11.64
CA LYS A 195 -2.79 3.25 10.48
C LYS A 195 -4.27 3.45 10.81
N LEU A 196 -4.70 2.98 11.96
CA LEU A 196 -6.07 3.20 12.43
C LEU A 196 -6.35 4.70 12.66
N LEU A 197 -5.39 5.39 13.27
CA LEU A 197 -5.49 6.85 13.44
C LEU A 197 -5.82 7.58 12.15
N GLY A 198 -5.23 7.17 11.04
CA GLY A 198 -5.56 7.74 9.73
C GLY A 198 -7.06 7.65 9.42
N GLU A 199 -7.64 6.46 9.65
CA GLU A 199 -9.09 6.30 9.47
C GLU A 199 -9.90 7.17 10.42
N LEU A 200 -9.41 7.32 11.64
CA LEU A 200 -10.08 8.18 12.61
C LEU A 200 -10.18 9.61 12.06
N TYR A 201 -9.08 10.10 11.48
CA TYR A 201 -9.08 11.46 10.89
C TYR A 201 -9.88 11.57 9.59
N THR A 202 -9.77 10.60 8.68
CA THR A 202 -10.57 10.69 7.45
C THR A 202 -12.07 10.67 7.79
N ASN A 203 -12.49 9.83 8.73
CA ASN A 203 -13.88 9.74 9.16
C ASN A 203 -14.35 11.04 9.80
N TYR A 204 -13.46 11.66 10.59
CA TYR A 204 -13.73 12.97 11.16
C TYR A 204 -13.98 14.02 10.07
N PHE A 205 -13.10 14.11 9.07
CA PHE A 205 -13.28 15.09 8.00
C PHE A 205 -14.58 14.81 7.20
N HIS A 206 -14.89 13.54 6.99
CA HIS A 206 -16.15 13.15 6.39
C HIS A 206 -17.35 13.57 7.24
N ASN A 207 -17.31 13.26 8.53
CA ASN A 207 -18.43 13.54 9.43
C ASN A 207 -18.70 15.03 9.64
N LEU A 208 -17.66 15.81 9.92
CA LEU A 208 -17.88 17.23 10.20
C LEU A 208 -17.90 18.07 8.94
N TYR A 209 -16.98 17.82 8.02
CA TYR A 209 -16.83 18.68 6.85
C TYR A 209 -17.29 18.07 5.53
N GLU A 210 -17.93 16.89 5.58
CA GLU A 210 -18.46 16.23 4.37
C GLU A 210 -17.40 15.96 3.30
N MET A 211 -16.14 15.74 3.72
CA MET A 211 -15.12 15.38 2.75
C MET A 211 -15.43 13.96 2.25
N PRO A 212 -15.42 13.75 0.92
CA PRO A 212 -15.63 12.42 0.37
C PRO A 212 -14.38 11.55 0.48
N ILE A 213 -14.28 10.85 1.60
CA ILE A 213 -13.15 9.98 1.87
C ILE A 213 -13.46 8.51 1.57
N VAL A 214 -12.41 7.72 1.37
CA VAL A 214 -12.49 6.27 1.33
C VAL A 214 -11.29 5.72 2.07
N ASN A 215 -11.52 4.76 2.95
CA ASN A 215 -10.45 4.07 3.67
C ASN A 215 -10.20 2.67 3.10
N ALA A 216 -9.11 2.53 2.35
CA ALA A 216 -8.70 1.25 1.77
C ALA A 216 -7.87 0.49 2.78
N ARG A 217 -8.29 -0.73 3.15
CA ARG A 217 -7.50 -1.55 4.06
C ARG A 217 -6.72 -2.61 3.27
N PHE A 218 -5.45 -2.31 2.99
CA PHE A 218 -4.60 -3.22 2.23
C PHE A 218 -4.16 -4.42 3.08
N PHE A 219 -4.03 -5.56 2.42
CA PHE A 219 -3.48 -6.80 3.03
C PHE A 219 -2.19 -7.20 2.31
N ASN A 220 -1.08 -7.22 3.03
CA ASN A 220 0.30 -7.62 2.62
C ASN A 220 0.50 -7.52 1.11
N VAL A 221 0.62 -6.29 0.64
CA VAL A 221 0.79 -5.97 -0.78
C VAL A 221 2.14 -6.47 -1.24
N PHE A 222 2.20 -6.95 -2.46
CA PHE A 222 3.46 -7.35 -3.06
C PHE A 222 3.43 -7.20 -4.57
N GLY A 223 4.63 -7.14 -5.14
CA GLY A 223 4.80 -7.01 -6.59
C GLY A 223 5.99 -6.15 -6.97
N PRO A 224 6.14 -5.90 -8.29
CA PRO A 224 7.12 -4.96 -8.80
C PRO A 224 6.97 -3.60 -8.14
N GLY A 225 8.09 -3.00 -7.73
CA GLY A 225 8.10 -1.64 -7.21
C GLY A 225 8.49 -1.50 -5.75
N GLU A 226 8.68 -2.62 -5.04
CA GLU A 226 9.22 -2.58 -3.69
C GLU A 226 10.68 -3.05 -3.65
N VAL A 227 11.56 -2.09 -3.38
CA VAL A 227 12.98 -2.34 -3.21
C VAL A 227 13.18 -2.98 -1.83
N PRO A 228 14.04 -4.02 -1.73
CA PRO A 228 14.31 -4.67 -0.44
C PRO A 228 15.07 -3.79 0.54
N GLY A 229 15.04 -4.16 1.81
CA GLY A 229 15.70 -3.39 2.86
C GLY A 229 15.28 -3.82 4.25
N LYS A 230 16.00 -3.29 5.23
CA LYS A 230 15.86 -3.67 6.65
C LYS A 230 14.41 -3.69 7.15
N TYR A 231 13.67 -2.63 6.86
CA TYR A 231 12.33 -2.44 7.37
C TYR A 231 11.23 -2.78 6.35
N ARG A 232 11.62 -3.42 5.25
CA ARG A 232 10.69 -3.77 4.16
C ARG A 232 10.04 -5.14 4.36
N ASN A 233 9.11 -5.47 3.46
CA ASN A 233 8.30 -6.71 3.47
C ASN A 233 9.14 -7.95 3.15
N VAL A 234 8.58 -9.11 3.49
CA VAL A 234 9.28 -10.38 3.35
C VAL A 234 9.55 -10.81 1.91
N ILE A 235 8.60 -10.60 0.99
CA ILE A 235 8.77 -11.08 -0.40
C ILE A 235 9.97 -10.46 -1.13
N PRO A 236 10.09 -9.11 -1.13
CA PRO A 236 11.27 -8.55 -1.80
C PRO A 236 12.61 -8.88 -1.09
N ASN A 237 12.59 -8.94 0.24
CA ASN A 237 13.77 -9.33 0.98
C ASN A 237 14.18 -10.78 0.66
N PHE A 238 13.19 -11.67 0.56
CA PHE A 238 13.44 -13.06 0.20
C PHE A 238 13.98 -13.19 -1.24
N PHE A 239 13.40 -12.45 -2.19
CA PHE A 239 13.97 -12.42 -3.55
C PHE A 239 15.43 -11.97 -3.53
N TYR A 240 15.74 -10.89 -2.82
CA TYR A 240 17.10 -10.36 -2.75
C TYR A 240 18.07 -11.38 -2.16
N TRP A 241 17.68 -11.99 -1.04
CA TRP A 241 18.52 -13.01 -0.40
C TRP A 241 18.64 -14.28 -1.25
N ALA A 242 17.52 -14.74 -1.81
CA ALA A 242 17.53 -15.90 -2.69
C ALA A 242 18.38 -15.71 -3.94
N MET A 243 18.38 -14.49 -4.49
CA MET A 243 19.18 -14.18 -5.69
C MET A 243 20.67 -13.93 -5.37
N ASN A 244 21.01 -13.85 -4.09
CA ASN A 244 22.39 -13.90 -3.62
C ASN A 244 22.75 -15.28 -3.06
N GLN A 245 21.94 -16.29 -3.37
CA GLN A 245 22.10 -17.67 -2.90
C GLN A 245 22.25 -17.81 -1.38
N GLN A 246 21.43 -17.05 -0.65
CA GLN A 246 21.42 -17.09 0.82
C GLN A 246 20.19 -17.83 1.31
N PRO A 247 20.29 -18.46 2.50
CA PRO A 247 19.11 -19.12 3.04
C PRO A 247 18.06 -18.08 3.48
N LEU A 248 16.80 -18.41 3.25
CA LEU A 248 15.69 -17.51 3.59
C LEU A 248 15.36 -17.67 5.09
N PRO A 249 15.52 -16.59 5.88
CA PRO A 249 15.28 -16.69 7.32
C PRO A 249 13.79 -16.61 7.64
N ILE A 250 13.24 -17.71 8.14
CA ILE A 250 11.83 -17.80 8.54
C ILE A 250 11.70 -17.43 10.01
N THR A 251 11.01 -16.32 10.28
CA THR A 251 10.78 -15.81 11.64
C THR A 251 9.50 -16.43 12.20
N GLY A 252 9.65 -17.66 12.68
CA GLY A 252 8.53 -18.49 13.12
C GLY A 252 8.76 -19.94 12.73
N ASP A 253 7.69 -20.73 12.66
CA ASP A 253 7.81 -22.13 12.25
C ASP A 253 7.47 -22.37 10.77
N GLY A 254 7.06 -21.32 10.04
CA GLY A 254 6.71 -21.45 8.63
C GLY A 254 5.25 -21.69 8.34
N SER A 255 4.48 -22.09 9.36
CA SER A 255 3.05 -22.29 9.21
C SER A 255 2.23 -20.98 9.34
N GLU A 256 2.89 -19.89 9.73
CA GLU A 256 2.24 -18.57 9.77
C GLU A 256 1.68 -18.23 8.39
N THR A 257 0.52 -17.59 8.33
CA THR A 257 -0.10 -17.29 7.04
C THR A 257 -0.38 -15.80 6.84
N ARG A 258 -0.40 -15.39 5.58
CA ARG A 258 -0.78 -14.04 5.18
C ARG A 258 -1.68 -14.09 3.96
N ASP A 259 -2.50 -13.06 3.84
CA ASP A 259 -3.28 -12.79 2.64
C ASP A 259 -2.46 -11.79 1.83
N TRP A 260 -1.70 -12.32 0.87
CA TRP A 260 -0.83 -11.49 0.00
C TRP A 260 -1.62 -11.02 -1.22
N THR A 261 -1.56 -9.72 -1.49
CA THR A 261 -2.38 -9.09 -2.52
C THR A 261 -1.47 -8.44 -3.56
N PHE A 262 -1.63 -8.82 -4.82
CA PHE A 262 -0.75 -8.30 -5.86
C PHE A 262 -1.03 -6.82 -6.12
N VAL A 263 0.03 -6.04 -6.27
CA VAL A 263 -0.08 -4.57 -6.33
C VAL A 263 -1.02 -4.03 -7.43
N GLU A 264 -1.06 -4.70 -8.57
CA GLU A 264 -1.95 -4.28 -9.67
C GLU A 264 -3.41 -4.55 -9.34
N ASP A 265 -3.69 -5.55 -8.50
CA ASP A 265 -5.04 -5.71 -7.96
C ASP A 265 -5.36 -4.56 -6.99
N ILE A 266 -4.41 -4.24 -6.11
CA ILE A 266 -4.59 -3.11 -5.20
C ILE A 266 -4.90 -1.83 -5.99
N VAL A 267 -4.13 -1.57 -7.04
CA VAL A 267 -4.32 -0.37 -7.85
C VAL A 267 -5.70 -0.28 -8.50
N ARG A 268 -6.18 -1.42 -9.05
CA ARG A 268 -7.53 -1.47 -9.60
C ARG A 268 -8.59 -1.13 -8.53
N GLY A 269 -8.43 -1.65 -7.32
CA GLY A 269 -9.29 -1.28 -6.20
C GLY A 269 -9.30 0.23 -5.94
N LEU A 270 -8.10 0.82 -5.80
CA LEU A 270 -7.94 2.25 -5.54
C LEU A 270 -8.58 3.12 -6.61
N MET A 271 -8.39 2.75 -7.86
CA MET A 271 -8.94 3.52 -8.94
C MET A 271 -10.46 3.47 -8.97
N ALA A 272 -11.03 2.31 -8.66
CA ALA A 272 -12.47 2.20 -8.43
C ALA A 272 -12.96 3.08 -7.27
N MET A 273 -12.18 3.12 -6.18
CA MET A 273 -12.55 3.89 -4.99
C MET A 273 -12.63 5.38 -5.28
N GLY A 274 -11.76 5.87 -6.17
CA GLY A 274 -11.82 7.26 -6.58
C GLY A 274 -13.09 7.70 -7.27
N VAL A 275 -13.74 6.79 -7.99
CA VAL A 275 -14.87 7.15 -8.86
C VAL A 275 -16.25 6.62 -8.43
N ARG A 276 -16.32 5.49 -7.72
CA ARG A 276 -17.61 4.95 -7.26
C ARG A 276 -18.21 5.76 -6.10
N ARG A 277 -19.41 6.28 -6.29
CA ARG A 277 -20.08 7.09 -5.26
C ARG A 277 -20.36 6.26 -4.00
N GLU A 278 -20.62 4.97 -4.18
CA GLU A 278 -20.94 4.01 -3.09
C GLU A 278 -19.72 3.76 -2.19
N ALA A 279 -18.51 4.10 -2.64
CA ALA A 279 -17.32 3.97 -1.78
C ALA A 279 -17.20 5.11 -0.75
N ILE A 280 -17.88 6.23 -0.99
CA ILE A 280 -17.77 7.40 -0.12
C ILE A 280 -18.11 7.13 1.33
N GLY A 281 -17.21 7.47 2.22
CA GLY A 281 -17.36 7.29 3.64
C GLY A 281 -17.08 5.89 4.15
N GLU A 282 -16.73 5.00 3.25
CA GLU A 282 -16.47 3.62 3.58
C GLU A 282 -15.05 3.12 3.78
N ALA A 283 -14.95 2.11 4.63
CA ALA A 283 -13.77 1.35 4.89
C ALA A 283 -13.97 0.05 4.09
N ILE A 284 -13.00 -0.32 3.28
CA ILE A 284 -13.07 -1.47 2.42
C ILE A 284 -11.79 -2.28 2.31
N ASN A 285 -11.84 -3.55 2.65
CA ASN A 285 -10.68 -4.42 2.52
C ASN A 285 -10.31 -4.59 1.05
N LEU A 286 -9.01 -4.43 0.74
CA LEU A 286 -8.44 -4.85 -0.53
C LEU A 286 -7.44 -5.96 -0.23
N GLY A 287 -7.83 -7.18 -0.56
CA GLY A 287 -7.06 -8.39 -0.30
C GLY A 287 -7.22 -9.39 -1.45
N SER A 288 -6.58 -10.54 -1.34
CA SER A 288 -6.83 -11.65 -2.28
C SER A 288 -7.96 -12.56 -1.80
N GLY A 289 -8.25 -12.54 -0.50
CA GLY A 289 -9.24 -13.45 0.09
C GLY A 289 -8.79 -14.90 0.20
N THR A 290 -7.48 -15.14 0.08
CA THR A 290 -6.90 -16.46 0.25
C THR A 290 -5.67 -16.29 1.13
N GLU A 291 -5.26 -17.36 1.80
CA GLU A 291 -4.06 -17.29 2.64
C GLU A 291 -3.06 -18.31 2.16
N HIS A 292 -1.78 -18.00 2.38
CA HIS A 292 -0.68 -18.90 2.08
C HIS A 292 0.26 -18.94 3.26
N GLN A 293 0.87 -20.10 3.48
CA GLN A 293 1.89 -20.24 4.51
C GLN A 293 3.19 -19.61 4.10
N VAL A 294 3.93 -19.08 5.08
CA VAL A 294 5.27 -18.52 4.86
C VAL A 294 6.20 -19.53 4.19
N ILE A 295 6.11 -20.79 4.62
CA ILE A 295 6.94 -21.86 4.06
C ILE A 295 6.68 -22.10 2.56
N GLU A 296 5.43 -22.00 2.13
CA GLU A 296 5.08 -22.11 0.70
C GLU A 296 5.66 -20.94 -0.11
N MET A 297 5.40 -19.73 0.38
CA MET A 297 5.95 -18.51 -0.22
C MET A 297 7.46 -18.63 -0.40
N ALA A 298 8.16 -19.07 0.64
CA ALA A 298 9.62 -19.26 0.58
C ALA A 298 10.03 -20.31 -0.46
N GLY A 299 9.28 -21.40 -0.51
CA GLY A 299 9.54 -22.48 -1.47
C GLY A 299 9.39 -22.00 -2.91
N ILE A 300 8.35 -21.24 -3.18
CA ILE A 300 8.12 -20.70 -4.54
C ILE A 300 9.27 -19.78 -4.93
N ILE A 301 9.70 -18.89 -4.04
CA ILE A 301 10.77 -17.94 -4.34
C ILE A 301 12.11 -18.66 -4.58
N ASN A 302 12.42 -19.65 -3.74
CA ASN A 302 13.62 -20.44 -3.94
C ASN A 302 13.60 -21.22 -5.28
N GLU A 303 12.42 -21.74 -5.64
CA GLU A 303 12.23 -22.43 -6.91
C GLU A 303 12.48 -21.48 -8.09
N LEU A 304 11.83 -20.31 -8.09
CA LEU A 304 11.96 -19.37 -9.20
C LEU A 304 13.39 -18.84 -9.36
N THR A 305 14.06 -18.57 -8.24
CA THR A 305 15.43 -18.05 -8.26
C THR A 305 16.51 -19.14 -8.36
N GLU A 306 16.10 -20.41 -8.40
CA GLU A 306 17.00 -21.56 -8.34
C GLU A 306 18.01 -21.45 -7.19
N ASN A 307 17.51 -20.99 -6.03
CA ASN A 307 18.34 -20.80 -4.85
C ASN A 307 18.57 -22.18 -4.23
N PRO A 308 19.84 -22.60 -4.11
CA PRO A 308 20.14 -23.87 -3.47
C PRO A 308 20.22 -23.82 -1.93
N ALA A 309 20.15 -22.63 -1.34
CA ALA A 309 20.39 -22.44 0.09
C ALA A 309 19.22 -22.77 1.03
N GLY A 310 18.03 -23.02 0.49
CA GLY A 310 16.86 -23.38 1.32
C GLY A 310 16.45 -22.30 2.32
N VAL A 311 16.08 -22.73 3.54
CA VAL A 311 15.57 -21.85 4.59
C VAL A 311 16.29 -22.09 5.92
N VAL A 312 16.25 -21.11 6.82
CA VAL A 312 16.66 -21.30 8.23
C VAL A 312 15.59 -20.73 9.14
N TYR A 313 15.44 -21.30 10.33
CA TYR A 313 14.38 -20.90 11.25
C TYR A 313 14.95 -20.03 12.35
N ARG A 314 14.26 -18.92 12.60
CA ARG A 314 14.63 -17.92 13.61
C ARG A 314 13.40 -17.70 14.49
N PRO A 315 13.58 -17.08 15.67
CA PRO A 315 12.40 -16.81 16.50
C PRO A 315 11.43 -15.83 15.84
N ARG A 316 10.16 -15.90 16.25
CA ARG A 316 9.19 -14.87 15.86
C ARG A 316 9.62 -13.52 16.37
N ARG A 317 9.28 -12.52 15.60
CA ARG A 317 9.58 -11.17 15.98
C ARG A 317 8.62 -10.87 17.18
N ASP A 318 9.10 -10.19 18.21
CA ASP A 318 8.30 -10.03 19.46
C ASP A 318 6.94 -9.36 19.32
N TRP A 319 6.76 -8.43 18.39
CA TRP A 319 5.50 -7.76 18.21
C TRP A 319 4.56 -8.56 17.29
N ASP A 320 5.05 -9.60 16.64
CA ASP A 320 4.30 -10.39 15.66
C ASP A 320 3.33 -11.41 16.28
N ALA A 321 2.30 -10.89 16.92
CA ALA A 321 1.31 -11.72 17.64
C ALA A 321 0.19 -12.23 16.74
N LYS A 322 0.05 -11.61 15.56
CA LYS A 322 -1.00 -11.95 14.62
C LYS A 322 -0.38 -12.76 13.50
N THR A 323 -0.32 -14.07 13.72
CA THR A 323 0.38 -15.00 12.84
C THR A 323 -0.54 -15.62 11.77
N ARG A 324 -1.78 -15.16 11.71
CA ARG A 324 -2.70 -15.49 10.64
C ARG A 324 -3.46 -14.24 10.23
N LEU A 325 -3.46 -13.92 8.96
CA LEU A 325 -4.21 -12.81 8.44
C LEU A 325 -4.96 -13.27 7.17
N LEU A 326 -6.25 -13.01 7.12
CA LEU A 326 -7.07 -13.37 5.98
C LEU A 326 -8.24 -12.44 5.90
N SER A 327 -8.35 -11.80 4.76
CA SER A 327 -9.42 -10.89 4.57
C SER A 327 -10.66 -11.47 3.95
N SER A 328 -11.74 -10.78 4.18
CA SER A 328 -12.97 -10.98 3.53
C SER A 328 -13.02 -9.83 2.54
N ILE A 329 -13.19 -10.15 1.29
CA ILE A 329 -13.26 -9.14 0.28
C ILE A 329 -14.64 -8.96 -0.34
N ASP A 330 -15.67 -9.37 0.36
CA ASP A 330 -17.02 -9.31 -0.17
C ASP A 330 -17.58 -7.90 -0.26
N LYS A 331 -17.23 -7.03 0.69
CA LYS A 331 -17.63 -5.63 0.59
C LYS A 331 -17.06 -4.96 -0.66
N ALA A 332 -15.77 -5.21 -0.94
CA ALA A 332 -15.13 -4.69 -2.15
C ALA A 332 -15.79 -5.23 -3.43
N ARG A 333 -16.12 -6.52 -3.42
CA ARG A 333 -16.90 -7.11 -4.52
C ARG A 333 -18.20 -6.30 -4.74
N ARG A 334 -18.96 -6.09 -3.65
N ARG A 334 -18.95 -6.10 -3.66
CA ARG A 334 -20.26 -5.39 -3.71
CA ARG A 334 -20.25 -5.39 -3.71
C ARG A 334 -20.19 -3.94 -4.16
C ARG A 334 -20.17 -3.94 -4.18
N LEU A 335 -19.30 -3.16 -3.55
CA LEU A 335 -19.22 -1.71 -3.83
C LEU A 335 -18.37 -1.31 -5.03
N LEU A 336 -17.34 -2.11 -5.32
CA LEU A 336 -16.36 -1.77 -6.35
C LEU A 336 -16.30 -2.73 -7.55
N ASP A 337 -17.04 -3.84 -7.51
CA ASP A 337 -16.83 -4.98 -8.45
C ASP A 337 -15.38 -5.47 -8.45
N TYR A 338 -14.77 -5.34 -7.28
CA TYR A 338 -13.38 -5.77 -7.08
C TYR A 338 -13.34 -7.29 -7.06
N GLU A 339 -12.34 -7.80 -7.79
CA GLU A 339 -11.99 -9.23 -7.93
C GLU A 339 -10.50 -9.35 -8.26
N PRO A 340 -9.67 -10.00 -7.44
CA PRO A 340 -8.26 -10.19 -7.77
C PRO A 340 -8.12 -10.95 -9.10
N GLN A 341 -7.27 -10.46 -9.99
CA GLN A 341 -7.01 -11.03 -11.32
C GLN A 341 -5.73 -11.83 -11.40
N VAL A 342 -4.84 -11.69 -10.42
CA VAL A 342 -3.50 -12.26 -10.50
C VAL A 342 -3.31 -13.24 -9.35
N SER A 343 -2.98 -14.50 -9.68
CA SER A 343 -2.76 -15.51 -8.64
C SER A 343 -1.46 -15.24 -7.88
N PHE A 344 -1.32 -15.86 -6.73
CA PHE A 344 -0.13 -15.73 -5.89
C PHE A 344 1.12 -16.10 -6.71
N ARG A 345 1.04 -17.22 -7.39
CA ARG A 345 2.10 -17.71 -8.22
C ARG A 345 2.42 -16.74 -9.37
N GLU A 346 1.41 -16.30 -10.07
CA GLU A 346 1.63 -15.38 -11.16
C GLU A 346 2.28 -14.10 -10.63
N GLY A 347 1.73 -13.58 -9.54
CA GLY A 347 2.27 -12.39 -8.88
C GLY A 347 3.75 -12.53 -8.55
N LEU A 348 4.13 -13.68 -7.99
CA LEU A 348 5.53 -13.89 -7.65
C LEU A 348 6.43 -13.98 -8.89
N GLU A 349 5.93 -14.55 -9.98
CA GLU A 349 6.66 -14.55 -11.26
C GLU A 349 6.88 -13.15 -11.78
N ARG A 350 5.83 -12.32 -11.75
CA ARG A 350 5.96 -10.91 -12.17
C ARG A 350 6.95 -10.15 -11.29
N THR A 351 6.92 -10.43 -9.98
CA THR A 351 7.86 -9.82 -9.05
C THR A 351 9.28 -10.21 -9.43
N HIS A 352 9.49 -11.52 -9.65
CA HIS A 352 10.80 -12.07 -10.04
C HIS A 352 11.38 -11.36 -11.27
N ARG A 353 10.54 -11.22 -12.29
CA ARG A 353 10.91 -10.52 -13.55
C ARG A 353 11.39 -9.07 -13.30
N TRP A 354 10.68 -8.35 -12.43
CA TRP A 354 11.08 -6.99 -12.05
C TRP A 354 12.45 -7.01 -11.36
N PHE A 355 12.67 -7.99 -10.49
CA PHE A 355 13.98 -8.15 -9.84
C PHE A 355 15.11 -8.37 -10.85
N THR A 356 14.91 -9.28 -11.79
CA THR A 356 15.95 -9.60 -12.77
C THR A 356 16.21 -8.42 -13.73
N GLU A 357 15.16 -7.73 -14.16
CA GLU A 357 15.30 -6.57 -15.05
C GLU A 357 15.95 -5.33 -14.41
N ASN A 358 15.88 -5.23 -13.08
CA ASN A 358 16.38 -4.04 -12.36
C ASN A 358 17.42 -4.42 -11.31
N TRP A 359 18.08 -5.56 -11.51
CA TRP A 359 18.93 -6.16 -10.48
C TRP A 359 20.04 -5.22 -10.00
N GLU A 360 20.71 -4.56 -10.94
CA GLU A 360 21.80 -3.63 -10.59
C GLU A 360 21.33 -2.42 -9.81
N LEU A 361 20.23 -1.79 -10.25
CA LEU A 361 19.60 -0.70 -9.48
C LEU A 361 19.16 -1.17 -8.07
N ILE A 362 18.66 -2.39 -7.98
CA ILE A 362 18.21 -2.95 -6.70
C ILE A 362 19.41 -3.20 -5.77
N ARG A 363 20.44 -3.88 -6.30
CA ARG A 363 21.70 -4.13 -5.56
C ARG A 363 22.23 -2.84 -4.94
N LYS A 364 22.29 -1.80 -5.76
CA LYS A 364 22.80 -0.49 -5.34
C LYS A 364 21.91 0.19 -4.31
N SER A 365 20.60 0.02 -4.45
CA SER A 365 19.61 0.73 -3.63
C SER A 365 19.31 0.08 -2.28
N ALA A 366 19.36 -1.26 -2.23
CA ALA A 366 18.96 -1.99 -1.01
C ALA A 366 19.78 -1.60 0.20
N GLU A 367 19.12 -1.19 1.28
CA GLU A 367 19.78 -0.80 2.53
C GLU A 367 19.34 -1.68 3.70
N PHE A 368 20.27 -2.51 4.20
CA PHE A 368 20.00 -3.43 5.29
C PHE A 368 20.73 -3.03 6.58
PA NAD B . 6.28 2.47 0.57
O1A NAD B . 6.83 1.87 -0.68
O2A NAD B . 7.22 2.72 1.71
O5B NAD B . 5.52 3.77 0.24
C5B NAD B . 5.39 4.90 1.06
C4B NAD B . 6.11 6.19 0.55
O4B NAD B . 5.97 7.28 1.44
C3B NAD B . 7.61 6.03 0.31
O3B NAD B . 7.91 6.25 -1.05
C2B NAD B . 8.24 7.01 1.31
O2B NAD B . 9.47 7.60 0.98
C1B NAD B . 7.14 8.04 1.50
N9A NAD B . 7.20 8.82 2.75
C8A NAD B . 7.48 8.34 4.00
N7A NAD B . 7.47 9.28 4.93
C5A NAD B . 7.16 10.44 4.24
C6A NAD B . 7.00 11.77 4.66
N6A NAD B . 7.13 12.17 5.91
N1A NAD B . 6.69 12.69 3.71
C2A NAD B . 6.56 12.28 2.44
N3A NAD B . 6.69 11.06 1.93
C4A NAD B . 6.99 10.17 2.90
O3 NAD B . 5.11 1.58 1.07
PN NAD B . 3.98 0.92 0.22
O1N NAD B . 3.99 1.55 -1.14
O2N NAD B . 4.14 -0.56 0.30
O5D NAD B . 2.67 1.33 0.95
C5D NAD B . 1.92 2.48 0.64
C4D NAD B . 0.83 2.75 1.68
O4D NAD B . 0.03 1.62 1.90
C3D NAD B . 1.42 3.13 3.03
O3D NAD B . 0.53 4.02 3.57
C2D NAD B . 1.35 1.83 3.81
O2D NAD B . 1.35 2.00 5.19
C1D NAD B . 0.09 1.23 3.24
N1N NAD B . 0.03 -0.21 3.43
C2N NAD B . 0.91 -1.02 2.89
C3N NAD B . 0.83 -2.39 3.08
C7N NAD B . 1.85 -3.30 2.44
O7N NAD B . 1.77 -4.51 2.67
N7N NAD B . 2.79 -2.82 1.67
C4N NAD B . -0.17 -2.93 3.88
C5N NAD B . -1.07 -2.06 4.43
C6N NAD B . -0.94 -0.69 4.18
N1 UDP C . 8.74 -13.30 7.67
C2 UDP C . 9.79 -14.21 7.65
N3 UDP C . 11.04 -13.82 7.51
C4 UDP C . 11.33 -12.52 7.40
C5 UDP C . 10.31 -11.58 7.41
C6 UDP C . 8.99 -12.00 7.56
O2 UDP C . 9.56 -15.41 7.76
O4 UDP C . 12.52 -12.13 7.28
C1' UDP C . 7.37 -13.75 7.83
C2' UDP C . 6.74 -13.05 9.01
O2' UDP C . 6.98 -13.76 10.22
C3' UDP C . 5.27 -13.04 8.62
C4' UDP C . 5.32 -12.94 7.10
O4' UDP C . 6.62 -13.28 6.72
O3' UDP C . 4.64 -14.26 9.02
C5' UDP C . 5.01 -11.49 6.74
O5' UDP C . 6.05 -10.63 7.11
PA UDP C . 6.13 -9.12 6.70
O1A UDP C . 6.37 -9.08 5.21
O2A UDP C . 7.13 -8.46 7.62
O3A UDP C . 4.73 -8.44 6.97
PB UDP C . 3.86 -8.32 8.27
O1B UDP C . 4.57 -9.20 9.27
O2B UDP C . 2.50 -8.82 7.85
O3B UDP C . 3.91 -6.84 8.60
C1 EDO D . 5.16 26.93 6.19
O1 EDO D . 4.52 27.08 4.93
C2 EDO D . 6.37 26.01 6.23
O2 EDO D . 6.99 26.14 7.50
C1 EDO E . 7.04 0.56 -10.86
O1 EDO E . 5.93 1.13 -11.57
C2 EDO E . 6.82 -0.93 -10.72
O2 EDO E . 7.21 -1.54 -11.95
C1 EDO F . -18.81 -5.29 5.82
O1 EDO F . -18.37 -6.52 5.25
C2 EDO F . -18.84 -5.42 7.33
O2 EDO F . -19.55 -6.58 7.77
S SO4 G . -3.99 -18.50 -5.37
O1 SO4 G . -5.23 -18.67 -6.18
O2 SO4 G . -3.08 -19.65 -5.54
O3 SO4 G . -3.32 -17.26 -5.81
O4 SO4 G . -4.35 -18.41 -3.94
#